data_1UGP
#
_entry.id   1UGP
#
_cell.length_a   65.564
_cell.length_b   65.564
_cell.length_c   184.994
_cell.angle_alpha   90.00
_cell.angle_beta   90.00
_cell.angle_gamma   120.00
#
_symmetry.space_group_name_H-M   'P 32 2 1'
#
loop_
_entity.id
_entity.type
_entity.pdbx_description
1 polymer 'Cobalt-containing nitrile hydratase subunit alpha'
2 polymer 'Cobalt-containing nitrile hydratase subunit beta'
3 non-polymer 'COBALT (II) ION'
4 non-polymer 'butanoic acid'
5 water water
#
loop_
_entity_poly.entity_id
_entity_poly.type
_entity_poly.pdbx_seq_one_letter_code
_entity_poly.pdbx_strand_id
1 'polypeptide(L)'
;TENILRKSDEEIQKEITARVKALESMLIEQGILTTSMIDRMAEIYENEVGPHLGAKVVVKAWTDPEFKKRLLADGTEACK
ELGIGGLQGEDMMWVENTDEVHHVVVCTL(CSD)S(CSO)YPWPVLGLPPNWFKEPQYRSRVVREPRQLLKEEFGFEVPP
SKEIKVWDSSSEMRFVVLPQRPAGTDGWSEEELATLVTRESMIGVEPAKAV
;
A
2 'polypeptide(L)'
;MNGVYDVGGTDGLGPINRPADEPVFRAEWEKVAFAMFPATFRAGFMGLDEFRFGIEQMNPAEYLESPYYWHWIRTYIHHG
VRTGKIDLEELERRTQYYRENPDAPLPEHEQKPELIEFVNQAVYGGLPASREVDRPPKFKEGDVVRFSTASPKGHARRAR
YVRGKTGTVVKHHGAYIYPDTAGNGLGECPEHLYTVRFTAQELWGPEGDPNSSVYYDCWEPYIELV
;
B
#
# COMPACT_ATOMS: atom_id res chain seq x y z
N THR A 1 -0.49 12.09 18.81
CA THR A 1 -0.16 13.45 19.33
C THR A 1 -1.42 14.15 19.81
N GLU A 2 -1.30 14.92 20.90
CA GLU A 2 -2.44 15.63 21.46
C GLU A 2 -3.06 16.64 20.49
N ASN A 3 -4.38 16.67 20.49
CA ASN A 3 -5.17 17.56 19.67
C ASN A 3 -6.37 17.90 20.54
N ILE A 4 -6.42 19.12 21.06
CA ILE A 4 -7.51 19.53 21.92
C ILE A 4 -8.88 19.53 21.25
N LEU A 5 -8.88 19.43 19.92
CA LEU A 5 -10.12 19.44 19.14
C LEU A 5 -10.70 18.05 18.94
N ARG A 6 -9.90 17.02 19.19
CA ARG A 6 -10.32 15.64 18.96
C ARG A 6 -11.14 14.96 20.05
N LYS A 7 -12.21 14.28 19.61
CA LYS A 7 -13.09 13.52 20.50
C LYS A 7 -12.31 12.33 21.04
N SER A 8 -12.87 11.67 22.06
CA SER A 8 -12.24 10.51 22.65
C SER A 8 -12.28 9.34 21.67
N ASP A 9 -11.38 8.38 21.85
CA ASP A 9 -11.34 7.20 20.97
C ASP A 9 -12.67 6.46 21.02
N GLU A 10 -13.28 6.43 22.21
CA GLU A 10 -14.57 5.75 22.40
C GLU A 10 -15.66 6.41 21.56
N GLU A 11 -15.73 7.74 21.60
CA GLU A 11 -16.73 8.47 20.84
C GLU A 11 -16.50 8.33 19.34
N ILE A 12 -15.24 8.32 18.94
CA ILE A 12 -14.87 8.17 17.53
C ILE A 12 -15.30 6.79 17.03
N GLN A 13 -15.04 5.77 17.84
CA GLN A 13 -15.41 4.40 17.47
C GLN A 13 -16.93 4.24 17.37
N LYS A 14 -17.65 4.86 18.30
CA LYS A 14 -19.11 4.78 18.30
C LYS A 14 -19.70 5.41 17.03
N GLU A 15 -19.16 6.56 16.64
CA GLU A 15 -19.64 7.26 15.45
C GLU A 15 -19.34 6.47 14.18
N ILE A 16 -18.11 5.99 14.05
CA ILE A 16 -17.71 5.21 12.89
C ILE A 16 -18.55 3.95 12.76
N THR A 17 -18.78 3.27 13.88
CA THR A 17 -19.57 2.05 13.87
C THR A 17 -20.96 2.28 13.28
N ALA A 18 -21.61 3.36 13.71
CA ALA A 18 -22.93 3.69 13.20
C ALA A 18 -22.89 4.04 11.71
N ARG A 19 -21.88 4.81 11.31
CA ARG A 19 -21.75 5.20 9.91
C ARG A 19 -21.49 4.01 9.00
N VAL A 20 -20.67 3.08 9.45
CA VAL A 20 -20.35 1.89 8.67
C VAL A 20 -21.54 0.94 8.58
N LYS A 21 -22.28 0.77 9.67
CA LYS A 21 -23.44 -0.11 9.65
C LYS A 21 -24.50 0.47 8.72
N ALA A 22 -24.62 1.79 8.69
CA ALA A 22 -25.58 2.47 7.82
C ALA A 22 -25.22 2.24 6.35
N LEU A 23 -23.95 2.45 6.00
CA LEU A 23 -23.51 2.26 4.62
C LEU A 23 -23.65 0.79 4.23
N GLU A 24 -23.31 -0.09 5.17
CA GLU A 24 -23.41 -1.53 4.94
C GLU A 24 -24.86 -1.91 4.62
N SER A 25 -25.80 -1.37 5.39
CA SER A 25 -27.21 -1.68 5.17
C SER A 25 -27.65 -1.31 3.75
N MET A 26 -27.14 -0.19 3.24
CA MET A 26 -27.48 0.26 1.90
C MET A 26 -26.86 -0.61 0.81
N LEU A 27 -25.59 -0.99 0.98
CA LEU A 27 -24.92 -1.82 -0.01
C LEU A 27 -25.53 -3.22 -0.03
N ILE A 28 -26.05 -3.65 1.12
CA ILE A 28 -26.71 -4.94 1.22
C ILE A 28 -28.02 -4.89 0.42
N GLU A 29 -28.76 -3.80 0.58
CA GLU A 29 -30.02 -3.65 -0.14
C GLU A 29 -29.82 -3.57 -1.65
N GLN A 30 -28.65 -3.05 -2.06
CA GLN A 30 -28.32 -2.93 -3.48
C GLN A 30 -27.93 -4.30 -4.06
N GLY A 31 -27.74 -5.27 -3.18
CA GLY A 31 -27.38 -6.61 -3.59
C GLY A 31 -25.91 -6.80 -3.95
N ILE A 32 -25.07 -5.82 -3.64
CA ILE A 32 -23.65 -5.91 -3.96
C ILE A 32 -22.75 -6.33 -2.81
N LEU A 33 -23.31 -6.42 -1.61
CA LEU A 33 -22.56 -6.81 -0.43
C LEU A 33 -23.43 -7.76 0.39
N THR A 34 -22.81 -8.82 0.91
CA THR A 34 -23.49 -9.82 1.72
C THR A 34 -22.63 -10.19 2.92
N THR A 35 -23.25 -10.80 3.93
CA THR A 35 -22.51 -11.20 5.12
C THR A 35 -21.46 -12.27 4.80
N SER A 36 -21.76 -13.18 3.88
CA SER A 36 -20.78 -14.20 3.52
C SER A 36 -19.58 -13.62 2.80
N MET A 37 -19.80 -12.57 2.00
CA MET A 37 -18.71 -11.93 1.27
C MET A 37 -17.77 -11.25 2.26
N ILE A 38 -18.35 -10.62 3.27
CA ILE A 38 -17.58 -9.95 4.31
C ILE A 38 -16.75 -10.96 5.08
N ASP A 39 -17.39 -12.05 5.51
CA ASP A 39 -16.71 -13.09 6.27
C ASP A 39 -15.59 -13.77 5.48
N ARG A 40 -15.80 -13.95 4.18
CA ARG A 40 -14.80 -14.59 3.34
C ARG A 40 -13.53 -13.73 3.22
N MET A 41 -13.71 -12.44 2.94
CA MET A 41 -12.56 -11.53 2.83
C MET A 41 -11.76 -11.47 4.13
N ALA A 42 -12.47 -11.43 5.25
CA ALA A 42 -11.83 -11.37 6.57
C ALA A 42 -11.07 -12.65 6.88
N GLU A 43 -11.68 -13.79 6.58
CA GLU A 43 -11.06 -15.09 6.84
C GLU A 43 -9.75 -15.25 6.06
N ILE A 44 -9.75 -14.80 4.81
CA ILE A 44 -8.56 -14.89 3.97
C ILE A 44 -7.37 -14.14 4.56
N TYR A 45 -7.60 -12.91 4.98
CA TYR A 45 -6.51 -12.10 5.52
C TYR A 45 -6.22 -12.24 7.00
N GLU A 46 -7.03 -13.02 7.70
CA GLU A 46 -6.80 -13.26 9.13
C GLU A 46 -6.08 -14.59 9.31
N ASN A 47 -6.32 -15.54 8.41
CA ASN A 47 -5.72 -16.86 8.55
C ASN A 47 -5.04 -17.50 7.34
N GLU A 48 -5.34 -17.03 6.14
CA GLU A 48 -4.76 -17.62 4.93
C GLU A 48 -3.56 -16.89 4.34
N VAL A 49 -3.69 -15.58 4.18
CA VAL A 49 -2.61 -14.77 3.61
C VAL A 49 -1.89 -13.97 4.68
N GLY A 50 -0.59 -14.22 4.81
CA GLY A 50 0.21 -13.52 5.80
C GLY A 50 1.70 -13.59 5.53
N PRO A 51 2.53 -13.00 6.40
CA PRO A 51 3.99 -12.98 6.24
C PRO A 51 4.68 -14.34 6.21
N HIS A 52 3.97 -15.40 6.61
CA HIS A 52 4.56 -16.74 6.57
C HIS A 52 4.82 -17.14 5.12
N LEU A 53 4.05 -16.53 4.21
CA LEU A 53 4.20 -16.81 2.78
C LEU A 53 5.49 -16.16 2.27
N GLY A 54 5.71 -14.91 2.65
CA GLY A 54 6.93 -14.22 2.25
C GLY A 54 8.14 -14.94 2.81
N ALA A 55 8.01 -15.46 4.03
CA ALA A 55 9.09 -16.18 4.70
C ALA A 55 9.51 -17.40 3.90
N LYS A 56 8.55 -18.08 3.29
CA LYS A 56 8.82 -19.25 2.47
C LYS A 56 9.66 -18.88 1.25
N VAL A 57 9.35 -17.73 0.66
CA VAL A 57 10.07 -17.24 -0.51
C VAL A 57 11.50 -16.87 -0.10
N VAL A 58 11.63 -16.19 1.03
CA VAL A 58 12.94 -15.77 1.53
C VAL A 58 13.86 -16.95 1.80
N VAL A 59 13.36 -17.96 2.50
CA VAL A 59 14.18 -19.14 2.83
C VAL A 59 14.57 -19.94 1.59
N LYS A 60 13.70 -19.95 0.58
CA LYS A 60 14.01 -20.67 -0.66
C LYS A 60 15.14 -19.92 -1.36
N ALA A 61 15.07 -18.59 -1.38
CA ALA A 61 16.11 -17.77 -2.01
C ALA A 61 17.43 -17.98 -1.29
N TRP A 62 17.37 -18.05 0.05
CA TRP A 62 18.56 -18.25 0.87
C TRP A 62 19.22 -19.59 0.63
N THR A 63 18.41 -20.61 0.33
CA THR A 63 18.90 -21.97 0.13
C THR A 63 18.92 -22.45 -1.32
N ASP A 64 18.62 -21.56 -2.26
CA ASP A 64 18.59 -21.92 -3.68
C ASP A 64 19.03 -20.72 -4.50
N PRO A 65 20.32 -20.65 -4.87
CA PRO A 65 20.89 -19.56 -5.66
C PRO A 65 20.15 -19.32 -6.97
N GLU A 66 19.74 -20.39 -7.64
CA GLU A 66 19.04 -20.26 -8.89
C GLU A 66 17.67 -19.62 -8.71
N PHE A 67 16.94 -20.05 -7.67
CA PHE A 67 15.63 -19.46 -7.41
C PHE A 67 15.80 -17.99 -7.05
N LYS A 68 16.85 -17.69 -6.27
CA LYS A 68 17.12 -16.30 -5.87
C LYS A 68 17.31 -15.42 -7.11
N LYS A 69 18.02 -15.94 -8.10
CA LYS A 69 18.25 -15.20 -9.34
C LYS A 69 16.90 -14.92 -10.01
N ARG A 70 16.06 -15.94 -10.08
CA ARG A 70 14.73 -15.80 -10.68
C ARG A 70 13.87 -14.83 -9.90
N LEU A 71 13.98 -14.86 -8.57
CA LEU A 71 13.22 -13.98 -7.71
C LEU A 71 13.56 -12.52 -7.95
N LEU A 72 14.86 -12.22 -8.05
CA LEU A 72 15.30 -10.86 -8.28
C LEU A 72 15.03 -10.40 -9.71
N ALA A 73 14.95 -11.37 -10.64
CA ALA A 73 14.68 -11.07 -12.04
C ALA A 73 13.20 -10.74 -12.29
N ASP A 74 12.32 -11.53 -11.69
CA ASP A 74 10.88 -11.34 -11.84
C ASP A 74 10.21 -11.90 -10.59
N GLY A 75 9.93 -11.00 -9.64
CA GLY A 75 9.32 -11.39 -8.38
C GLY A 75 7.98 -12.11 -8.50
N THR A 76 7.10 -11.59 -9.35
CA THR A 76 5.78 -12.20 -9.54
C THR A 76 5.88 -13.63 -10.04
N GLU A 77 6.65 -13.84 -11.11
CA GLU A 77 6.79 -15.17 -11.67
C GLU A 77 7.48 -16.14 -10.72
N ALA A 78 8.51 -15.67 -10.01
CA ALA A 78 9.22 -16.52 -9.07
C ALA A 78 8.31 -16.96 -7.92
N CYS A 79 7.54 -16.03 -7.36
CA CYS A 79 6.64 -16.35 -6.27
C CYS A 79 5.54 -17.32 -6.71
N LYS A 80 5.17 -17.27 -7.97
CA LYS A 80 4.15 -18.16 -8.52
C LYS A 80 4.60 -19.62 -8.48
N GLU A 81 5.92 -19.83 -8.44
CA GLU A 81 6.48 -21.19 -8.38
C GLU A 81 6.08 -21.84 -7.05
N LEU A 82 5.80 -21.02 -6.05
CA LEU A 82 5.40 -21.49 -4.73
C LEU A 82 3.90 -21.33 -4.50
N GLY A 83 3.18 -21.00 -5.57
CA GLY A 83 1.75 -20.80 -5.48
C GLY A 83 1.38 -19.55 -4.72
N ILE A 84 2.30 -18.59 -4.71
CA ILE A 84 2.10 -17.32 -4.01
C ILE A 84 1.93 -16.18 -5.00
N GLY A 85 0.87 -15.39 -4.80
CA GLY A 85 0.59 -14.26 -5.68
C GLY A 85 -0.84 -13.81 -5.59
N GLY A 86 -1.20 -12.81 -6.38
CA GLY A 86 -2.58 -12.33 -6.37
C GLY A 86 -2.79 -10.85 -6.10
N LEU A 87 -3.92 -10.55 -5.46
CA LEU A 87 -4.34 -9.19 -5.13
C LEU A 87 -3.28 -8.34 -4.44
N GLN A 88 -2.97 -7.21 -5.07
CA GLN A 88 -1.97 -6.26 -4.58
C GLN A 88 -0.55 -6.79 -4.52
N GLY A 89 -0.27 -7.76 -5.40
CA GLY A 89 1.04 -8.35 -5.51
C GLY A 89 1.19 -8.87 -6.93
N GLU A 90 0.38 -8.32 -7.83
CA GLU A 90 0.39 -8.70 -9.24
C GLU A 90 1.75 -8.42 -9.87
N ASP A 91 2.40 -7.36 -9.39
CA ASP A 91 3.71 -6.96 -9.87
C ASP A 91 4.61 -6.76 -8.66
N MET A 92 5.49 -7.72 -8.43
CA MET A 92 6.41 -7.64 -7.31
C MET A 92 7.86 -7.55 -7.75
N MET A 93 8.62 -6.70 -7.06
CA MET A 93 10.02 -6.54 -7.34
C MET A 93 10.76 -6.69 -6.02
N TRP A 94 11.52 -7.77 -5.90
CA TRP A 94 12.27 -8.05 -4.69
C TRP A 94 13.65 -7.43 -4.78
N VAL A 95 14.09 -6.82 -3.68
CA VAL A 95 15.39 -6.17 -3.61
C VAL A 95 16.23 -6.81 -2.51
N GLU A 96 17.48 -7.12 -2.86
CA GLU A 96 18.41 -7.81 -1.96
C GLU A 96 19.30 -6.97 -1.05
N ASN A 97 19.20 -7.21 0.26
CA ASN A 97 20.04 -6.53 1.24
C ASN A 97 21.43 -7.18 1.15
N THR A 98 22.47 -6.36 1.27
CA THR A 98 23.85 -6.87 1.22
C THR A 98 24.68 -6.15 2.27
N ASP A 99 25.98 -6.39 2.28
CA ASP A 99 26.87 -5.72 3.23
C ASP A 99 27.05 -4.26 2.86
N GLU A 100 26.76 -3.93 1.61
CA GLU A 100 26.91 -2.56 1.11
C GLU A 100 25.61 -1.78 0.96
N VAL A 101 24.48 -2.48 0.89
CA VAL A 101 23.19 -1.81 0.70
C VAL A 101 22.07 -2.33 1.60
N HIS A 102 21.25 -1.40 2.08
CA HIS A 102 20.10 -1.75 2.89
C HIS A 102 18.87 -1.14 2.24
N HIS A 103 17.83 -1.95 2.06
CA HIS A 103 16.59 -1.50 1.45
C HIS A 103 15.46 -1.37 2.46
N VAL A 104 14.57 -0.41 2.22
CA VAL A 104 13.41 -0.19 3.06
C VAL A 104 12.29 0.31 2.15
N VAL A 105 11.09 -0.21 2.36
CA VAL A 105 9.95 0.15 1.51
C VAL A 105 8.90 1.01 2.20
N VAL A 106 8.18 1.78 1.40
CA VAL A 106 7.15 2.68 1.91
C VAL A 106 6.18 3.08 0.80
N CYS A 107 5.00 3.54 1.20
CA CYS A 107 4.02 4.05 0.27
C CYS A 107 3.72 5.43 0.85
N THR A 108 4.48 6.44 0.41
CA THR A 108 4.29 7.79 0.93
C THR A 108 2.93 8.36 0.59
N LEU A 109 2.38 7.93 -0.54
CA LEU A 109 1.08 8.42 -1.00
C LEU A 109 -0.15 7.78 -0.36
N SER A 111 -0.72 3.54 1.25
CA SER A 111 -0.45 2.36 2.09
C SER A 111 -0.06 1.10 1.33
N TYR A 113 1.25 -2.06 -0.27
CA TYR A 113 2.01 -3.12 0.40
C TYR A 113 1.75 -4.43 -0.35
N PRO A 114 2.76 -5.33 -0.38
CA PRO A 114 2.61 -6.62 -1.09
C PRO A 114 1.78 -7.65 -0.33
N TRP A 115 0.45 -7.52 -0.42
CA TRP A 115 -0.48 -8.42 0.26
C TRP A 115 -0.23 -9.93 0.10
N PRO A 116 0.04 -10.40 -1.13
CA PRO A 116 0.27 -11.84 -1.32
C PRO A 116 1.38 -12.49 -0.51
N VAL A 117 2.41 -11.71 -0.17
CA VAL A 117 3.53 -12.25 0.60
C VAL A 117 3.59 -11.79 2.05
N LEU A 118 2.95 -10.67 2.37
CA LEU A 118 2.99 -10.15 3.74
C LEU A 118 1.63 -10.00 4.41
N GLY A 119 0.56 -10.19 3.65
CA GLY A 119 -0.77 -9.99 4.19
C GLY A 119 -1.02 -8.50 4.27
N LEU A 120 -2.04 -8.08 5.02
CA LEU A 120 -2.33 -6.66 5.15
C LEU A 120 -1.27 -5.98 6.01
N PRO A 121 -0.90 -4.74 5.67
CA PRO A 121 0.11 -4.00 6.44
C PRO A 121 -0.29 -3.61 7.84
N PRO A 122 0.69 -3.54 8.76
CA PRO A 122 0.40 -3.15 10.14
C PRO A 122 0.02 -1.67 10.09
N ASN A 123 -0.73 -1.21 11.09
CA ASN A 123 -1.16 0.18 11.09
C ASN A 123 -0.08 1.25 10.99
N TRP A 124 1.07 1.05 11.63
CA TRP A 124 2.14 2.05 11.58
C TRP A 124 2.64 2.30 10.16
N PHE A 125 2.62 1.28 9.33
CA PHE A 125 3.07 1.38 7.94
C PHE A 125 2.15 2.28 7.13
N LYS A 126 0.86 2.25 7.47
CA LYS A 126 -0.16 3.02 6.78
C LYS A 126 -0.30 4.44 7.32
N GLU A 127 0.30 4.71 8.47
CA GLU A 127 0.21 6.02 9.09
C GLU A 127 1.21 7.07 8.61
N PRO A 128 0.84 8.36 8.73
CA PRO A 128 1.66 9.50 8.30
C PRO A 128 3.05 9.63 8.90
N GLN A 129 3.23 9.17 10.14
CA GLN A 129 4.52 9.28 10.81
C GLN A 129 5.65 8.54 10.09
N TYR A 130 5.44 7.26 9.82
CA TYR A 130 6.43 6.46 9.13
C TYR A 130 6.58 6.90 7.68
N ARG A 131 5.45 7.04 7.01
CA ARG A 131 5.41 7.43 5.60
C ARG A 131 6.12 8.73 5.28
N SER A 132 5.94 9.74 6.13
CA SER A 132 6.55 11.05 5.91
C SER A 132 8.05 11.07 6.15
N ARG A 133 8.48 10.41 7.21
CA ARG A 133 9.88 10.42 7.60
C ARG A 133 10.86 9.47 6.93
N VAL A 134 10.42 8.26 6.59
CA VAL A 134 11.33 7.28 6.00
C VAL A 134 12.08 7.71 4.74
N VAL A 135 11.47 8.53 3.89
CA VAL A 135 12.17 8.96 2.67
C VAL A 135 13.13 10.12 2.92
N ARG A 136 13.01 10.75 4.08
CA ARG A 136 13.82 11.92 4.44
C ARG A 136 14.92 11.67 5.49
N GLU A 137 14.60 10.87 6.50
CA GLU A 137 15.56 10.53 7.58
C GLU A 137 15.48 9.03 7.82
N PRO A 138 15.75 8.20 6.79
CA PRO A 138 15.67 6.75 6.99
C PRO A 138 16.61 6.19 8.04
N ARG A 139 17.84 6.68 8.09
CA ARG A 139 18.82 6.20 9.06
C ARG A 139 18.39 6.49 10.49
N GLN A 140 17.96 7.72 10.75
CA GLN A 140 17.51 8.10 12.09
C GLN A 140 16.24 7.36 12.50
N LEU A 141 15.32 7.19 11.55
CA LEU A 141 14.07 6.49 11.81
C LEU A 141 14.32 5.04 12.21
N LEU A 142 15.16 4.34 11.43
CA LEU A 142 15.46 2.95 11.74
C LEU A 142 16.08 2.80 13.12
N LYS A 143 16.95 3.72 13.49
CA LYS A 143 17.61 3.68 14.79
C LYS A 143 16.66 4.00 15.94
N GLU A 144 15.97 5.14 15.83
CA GLU A 144 15.06 5.60 16.87
C GLU A 144 13.81 4.75 17.07
N GLU A 145 13.17 4.34 15.98
CA GLU A 145 11.95 3.56 16.09
C GLU A 145 12.14 2.05 16.18
N PHE A 146 13.09 1.52 15.40
CA PHE A 146 13.31 0.09 15.39
C PHE A 146 14.59 -0.41 16.05
N GLY A 147 15.38 0.50 16.61
CA GLY A 147 16.61 0.13 17.28
C GLY A 147 17.59 -0.52 16.32
N PHE A 148 17.44 -0.20 15.03
CA PHE A 148 18.25 -0.75 13.97
C PHE A 148 19.26 0.30 13.50
N GLU A 149 20.53 0.11 13.84
CA GLU A 149 21.57 1.06 13.48
C GLU A 149 22.30 0.64 12.19
N VAL A 150 22.11 1.44 11.14
CA VAL A 150 22.74 1.20 9.85
C VAL A 150 23.92 2.17 9.74
N PRO A 151 25.16 1.65 9.71
CA PRO A 151 26.37 2.47 9.60
C PRO A 151 26.27 3.53 8.49
N PRO A 152 26.73 4.76 8.77
CA PRO A 152 26.71 5.88 7.82
C PRO A 152 27.28 5.55 6.45
N SER A 153 28.30 4.68 6.42
CA SER A 153 28.95 4.28 5.18
C SER A 153 28.12 3.30 4.34
N LYS A 154 27.09 2.72 4.94
CA LYS A 154 26.23 1.78 4.24
C LYS A 154 25.05 2.53 3.63
N GLU A 155 24.85 2.36 2.32
CA GLU A 155 23.76 3.06 1.63
C GLU A 155 22.38 2.51 1.98
N ILE A 156 21.44 3.43 2.19
CA ILE A 156 20.07 3.06 2.47
C ILE A 156 19.24 3.47 1.25
N LYS A 157 18.62 2.50 0.62
CA LYS A 157 17.79 2.73 -0.54
C LYS A 157 16.34 2.61 -0.09
N VAL A 158 15.58 3.69 -0.23
CA VAL A 158 14.18 3.72 0.15
C VAL A 158 13.33 3.57 -1.10
N TRP A 159 12.45 2.58 -1.12
CA TRP A 159 11.58 2.34 -2.26
C TRP A 159 10.16 2.81 -2.02
N ASP A 160 9.75 3.82 -2.76
CA ASP A 160 8.41 4.39 -2.63
C ASP A 160 7.49 3.80 -3.70
N SER A 161 6.49 3.05 -3.25
CA SER A 161 5.54 2.39 -4.13
C SER A 161 4.49 3.34 -4.70
N SER A 162 4.90 4.17 -5.66
CA SER A 162 3.99 5.12 -6.30
C SER A 162 3.18 4.49 -7.42
N SER A 163 3.57 3.30 -7.85
CA SER A 163 2.86 2.58 -8.91
C SER A 163 2.33 1.26 -8.38
N GLU A 164 1.87 0.39 -9.27
CA GLU A 164 1.38 -0.90 -8.86
C GLU A 164 2.50 -1.90 -8.59
N MET A 165 3.73 -1.47 -8.86
CA MET A 165 4.89 -2.32 -8.58
C MET A 165 5.01 -2.37 -7.06
N ARG A 166 5.09 -3.58 -6.52
CA ARG A 166 5.21 -3.77 -5.08
C ARG A 166 6.62 -4.22 -4.76
N PHE A 167 7.29 -3.44 -3.91
CA PHE A 167 8.66 -3.74 -3.52
C PHE A 167 8.72 -4.55 -2.23
N VAL A 168 9.55 -5.60 -2.23
CA VAL A 168 9.71 -6.47 -1.08
C VAL A 168 11.20 -6.66 -0.84
N VAL A 169 11.60 -6.62 0.42
CA VAL A 169 13.00 -6.77 0.79
C VAL A 169 13.39 -8.21 1.10
N LEU A 170 14.49 -8.65 0.47
CA LEU A 170 15.04 -9.97 0.73
C LEU A 170 16.16 -9.69 1.74
N PRO A 171 15.90 -9.93 3.03
CA PRO A 171 16.93 -9.68 4.04
C PRO A 171 18.11 -10.63 3.95
N GLN A 172 19.26 -10.17 4.43
CA GLN A 172 20.46 -11.00 4.43
C GLN A 172 20.26 -12.16 5.40
N ARG A 173 20.85 -13.30 5.08
CA ARG A 173 20.76 -14.47 5.92
C ARG A 173 21.65 -14.26 7.15
N PRO A 174 21.06 -14.35 8.35
CA PRO A 174 21.83 -14.17 9.59
C PRO A 174 22.98 -15.16 9.71
N ALA A 175 24.06 -14.72 10.34
CA ALA A 175 25.22 -15.56 10.54
C ALA A 175 24.91 -16.66 11.54
N GLY A 176 25.67 -17.75 11.47
CA GLY A 176 25.47 -18.87 12.36
C GLY A 176 24.29 -19.75 12.00
N THR A 177 23.90 -19.75 10.73
CA THR A 177 22.77 -20.56 10.27
C THR A 177 23.16 -21.53 9.16
N ASP A 178 24.44 -21.83 9.05
CA ASP A 178 24.92 -22.75 8.02
C ASP A 178 24.25 -24.12 8.11
N GLY A 179 23.71 -24.57 6.98
CA GLY A 179 23.07 -25.88 6.93
C GLY A 179 21.71 -26.02 7.58
N TRP A 180 21.14 -24.93 8.06
CA TRP A 180 19.81 -24.98 8.69
C TRP A 180 18.75 -25.37 7.68
N SER A 181 17.69 -26.01 8.15
CA SER A 181 16.60 -26.42 7.27
C SER A 181 15.77 -25.18 6.95
N GLU A 182 14.96 -25.26 5.90
CA GLU A 182 14.11 -24.14 5.52
C GLU A 182 13.14 -23.78 6.63
N GLU A 183 12.66 -24.80 7.35
CA GLU A 183 11.74 -24.59 8.46
C GLU A 183 12.42 -23.79 9.58
N GLU A 184 13.65 -24.16 9.90
CA GLU A 184 14.42 -23.47 10.95
C GLU A 184 14.74 -22.04 10.53
N LEU A 185 15.13 -21.86 9.27
CA LEU A 185 15.47 -20.53 8.75
C LEU A 185 14.26 -19.60 8.75
N ALA A 186 13.08 -20.18 8.51
CA ALA A 186 11.83 -19.41 8.48
C ALA A 186 11.52 -18.71 9.79
N THR A 187 11.99 -19.26 10.90
CA THR A 187 11.75 -18.68 12.23
C THR A 187 12.48 -17.34 12.39
N LEU A 188 13.43 -17.07 11.50
CA LEU A 188 14.21 -15.84 11.56
C LEU A 188 13.66 -14.75 10.66
N VAL A 189 12.79 -15.12 9.73
CA VAL A 189 12.21 -14.16 8.80
C VAL A 189 10.94 -13.53 9.36
N THR A 190 10.97 -12.21 9.50
CA THR A 190 9.84 -11.48 10.03
C THR A 190 9.25 -10.55 8.97
N ARG A 191 8.04 -10.08 9.25
CA ARG A 191 7.36 -9.13 8.39
C ARG A 191 8.24 -7.88 8.29
N GLU A 192 8.81 -7.48 9.43
CA GLU A 192 9.66 -6.30 9.50
C GLU A 192 10.92 -6.43 8.64
N SER A 193 11.48 -7.63 8.56
CA SER A 193 12.67 -7.87 7.76
C SER A 193 12.38 -7.79 6.26
N MET A 194 11.13 -8.01 5.88
CA MET A 194 10.75 -7.94 4.48
C MET A 194 10.27 -6.54 4.08
N ILE A 195 10.09 -5.67 5.07
CA ILE A 195 9.71 -4.26 4.84
C ILE A 195 11.04 -3.49 4.83
N GLY A 196 12.01 -4.01 5.57
CA GLY A 196 13.32 -3.39 5.65
C GLY A 196 13.56 -2.57 6.90
N VAL A 197 12.58 -2.51 7.80
CA VAL A 197 12.72 -1.74 9.03
C VAL A 197 13.54 -2.45 10.12
N GLU A 198 13.81 -3.73 9.91
CA GLU A 198 14.60 -4.54 10.83
C GLU A 198 15.30 -5.61 10.00
N PRO A 199 16.42 -6.15 10.52
CA PRO A 199 17.11 -7.19 9.77
C PRO A 199 16.44 -8.50 10.19
N ALA A 200 16.79 -9.61 9.56
CA ALA A 200 16.20 -10.89 9.95
C ALA A 200 16.72 -11.19 11.36
N LYS A 201 16.00 -12.02 12.11
CA LYS A 201 16.38 -12.37 13.48
C LYS A 201 17.78 -12.97 13.64
N ALA A 202 18.56 -12.38 14.54
CA ALA A 202 19.92 -12.86 14.80
C ALA A 202 19.88 -14.18 15.56
N VAL A 203 20.98 -14.92 15.49
CA VAL A 203 21.14 -16.22 16.13
C VAL A 203 20.22 -17.26 15.47
N MET B 1 -3.38 15.92 -7.25
CA MET B 1 -3.65 17.14 -6.44
C MET B 1 -2.58 17.31 -5.37
N ASN B 2 -2.36 18.57 -4.96
CA ASN B 2 -1.37 18.89 -3.92
C ASN B 2 -2.01 18.68 -2.54
N GLY B 3 -2.53 17.48 -2.30
CA GLY B 3 -3.17 17.20 -1.02
C GLY B 3 -2.20 16.93 0.12
N VAL B 4 -2.67 17.13 1.34
CA VAL B 4 -1.85 16.89 2.52
C VAL B 4 -1.48 15.41 2.62
N TYR B 5 -2.31 14.54 2.05
CA TYR B 5 -2.08 13.08 2.07
C TYR B 5 -0.69 12.69 1.52
N ASP B 6 -0.19 13.52 0.62
CA ASP B 6 1.12 13.36 -0.02
C ASP B 6 2.14 13.81 1.04
N VAL B 7 2.33 12.92 2.03
CA VAL B 7 3.20 13.19 3.18
C VAL B 7 4.70 12.97 3.08
N GLY B 8 5.17 12.35 2.01
CA GLY B 8 6.60 12.12 1.88
C GLY B 8 7.43 13.38 2.04
N GLY B 9 8.26 13.43 3.08
CA GLY B 9 9.08 14.60 3.30
C GLY B 9 8.51 15.60 4.30
N THR B 10 7.25 15.43 4.68
CA THR B 10 6.63 16.33 5.63
C THR B 10 7.25 16.17 7.03
N ASP B 11 7.55 17.30 7.66
CA ASP B 11 8.12 17.32 9.00
C ASP B 11 7.04 17.60 10.04
N GLY B 12 7.32 17.21 11.29
CA GLY B 12 6.39 17.49 12.38
C GLY B 12 5.19 16.61 12.61
N LEU B 13 5.12 15.47 11.95
CA LEU B 13 3.98 14.57 12.12
C LEU B 13 4.02 13.74 13.40
N GLY B 14 5.15 13.80 14.10
CA GLY B 14 5.28 13.08 15.36
C GLY B 14 5.91 11.70 15.29
N PRO B 15 6.13 11.07 16.45
CA PRO B 15 6.73 9.73 16.52
C PRO B 15 5.77 8.65 16.04
N ILE B 16 6.33 7.55 15.58
CA ILE B 16 5.55 6.43 15.10
C ILE B 16 4.87 5.74 16.28
N ASN B 17 3.57 5.47 16.13
CA ASN B 17 2.79 4.78 17.13
C ASN B 17 2.80 3.33 16.68
N ARG B 18 3.55 2.49 17.37
CA ARG B 18 3.66 1.09 17.00
C ARG B 18 3.56 0.13 18.19
N PRO B 19 2.38 -0.49 18.38
CA PRO B 19 2.18 -1.44 19.47
C PRO B 19 3.06 -2.66 19.21
N ALA B 20 3.36 -3.43 20.26
CA ALA B 20 4.20 -4.62 20.13
C ALA B 20 3.56 -5.63 19.17
N ASP B 21 2.23 -5.65 19.17
CA ASP B 21 1.47 -6.54 18.30
C ASP B 21 0.07 -5.94 18.16
N GLU B 22 -0.68 -6.44 17.18
CA GLU B 22 -2.03 -5.95 16.93
C GLU B 22 -2.77 -6.93 16.04
N PRO B 23 -4.11 -6.93 16.13
CA PRO B 23 -4.88 -7.84 15.29
C PRO B 23 -4.98 -7.26 13.88
N VAL B 24 -5.31 -8.09 12.90
CA VAL B 24 -5.45 -7.63 11.52
C VAL B 24 -6.61 -6.62 11.49
N PHE B 25 -7.69 -6.97 12.18
CA PHE B 25 -8.87 -6.11 12.27
C PHE B 25 -9.11 -5.79 13.74
N ARG B 26 -9.10 -4.49 14.05
CA ARG B 26 -9.27 -4.00 15.41
C ARG B 26 -10.71 -3.94 15.89
N ALA B 27 -11.64 -4.04 14.96
CA ALA B 27 -13.07 -3.99 15.27
C ALA B 27 -13.85 -4.56 14.10
N GLU B 28 -15.09 -4.98 14.36
CA GLU B 28 -15.92 -5.54 13.32
C GLU B 28 -16.18 -4.60 12.15
N TRP B 29 -16.28 -3.30 12.43
CA TRP B 29 -16.52 -2.33 11.36
C TRP B 29 -15.37 -2.31 10.36
N GLU B 30 -14.16 -2.65 10.82
CA GLU B 30 -13.00 -2.67 9.93
C GLU B 30 -13.10 -3.80 8.91
N LYS B 31 -13.64 -4.94 9.33
CA LYS B 31 -13.82 -6.08 8.43
C LYS B 31 -14.81 -5.69 7.34
N VAL B 32 -15.86 -4.98 7.75
CA VAL B 32 -16.88 -4.53 6.82
C VAL B 32 -16.27 -3.55 5.83
N ALA B 33 -15.53 -2.56 6.34
CA ALA B 33 -14.89 -1.56 5.48
C ALA B 33 -13.97 -2.24 4.46
N PHE B 34 -13.19 -3.20 4.94
CA PHE B 34 -12.26 -3.93 4.09
C PHE B 34 -12.98 -4.71 2.98
N ALA B 35 -14.01 -5.45 3.35
CA ALA B 35 -14.78 -6.24 2.39
C ALA B 35 -15.52 -5.39 1.36
N MET B 36 -15.81 -4.14 1.70
CA MET B 36 -16.50 -3.24 0.79
C MET B 36 -15.63 -2.86 -0.40
N PHE B 37 -14.32 -3.10 -0.29
CA PHE B 37 -13.38 -2.79 -1.37
C PHE B 37 -13.75 -3.60 -2.63
N PRO B 38 -13.72 -4.94 -2.56
CA PRO B 38 -14.08 -5.71 -3.76
C PRO B 38 -15.56 -5.55 -4.13
N ALA B 39 -16.41 -5.33 -3.13
CA ALA B 39 -17.84 -5.16 -3.35
C ALA B 39 -18.15 -3.94 -4.22
N THR B 40 -17.60 -2.78 -3.84
CA THR B 40 -17.84 -1.55 -4.59
C THR B 40 -17.10 -1.55 -5.93
N PHE B 41 -15.97 -2.26 -5.99
CA PHE B 41 -15.20 -2.36 -7.23
C PHE B 41 -16.03 -3.14 -8.25
N ARG B 42 -16.58 -4.27 -7.82
CA ARG B 42 -17.39 -5.11 -8.71
C ARG B 42 -18.64 -4.37 -9.17
N ALA B 43 -19.21 -3.56 -8.28
CA ALA B 43 -20.43 -2.80 -8.57
C ALA B 43 -20.21 -1.56 -9.44
N GLY B 44 -18.95 -1.29 -9.79
CA GLY B 44 -18.66 -0.14 -10.63
C GLY B 44 -18.63 1.21 -9.95
N PHE B 45 -18.45 1.24 -8.63
CA PHE B 45 -18.37 2.52 -7.91
C PHE B 45 -17.09 3.24 -8.34
N MET B 46 -16.03 2.46 -8.53
CA MET B 46 -14.75 3.01 -8.92
C MET B 46 -13.70 1.93 -9.19
N GLY B 47 -12.60 2.37 -9.79
CA GLY B 47 -11.47 1.49 -10.06
C GLY B 47 -10.46 1.83 -8.97
N LEU B 48 -9.29 1.21 -9.01
CA LEU B 48 -8.27 1.43 -7.99
C LEU B 48 -7.77 2.88 -7.90
N ASP B 49 -7.48 3.47 -9.05
CA ASP B 49 -6.99 4.84 -9.09
C ASP B 49 -8.03 5.83 -8.55
N GLU B 50 -9.30 5.61 -8.91
CA GLU B 50 -10.39 6.47 -8.44
C GLU B 50 -10.55 6.30 -6.92
N PHE B 51 -10.38 5.06 -6.46
CA PHE B 51 -10.46 4.73 -5.02
C PHE B 51 -9.47 5.62 -4.26
N ARG B 52 -8.24 5.70 -4.76
CA ARG B 52 -7.21 6.51 -4.12
C ARG B 52 -7.58 7.99 -4.11
N PHE B 53 -8.07 8.49 -5.24
CA PHE B 53 -8.46 9.88 -5.38
C PHE B 53 -9.55 10.29 -4.39
N GLY B 54 -10.49 9.39 -4.12
CA GLY B 54 -11.55 9.69 -3.17
C GLY B 54 -10.98 9.97 -1.79
N ILE B 55 -9.96 9.20 -1.41
CA ILE B 55 -9.30 9.35 -0.11
C ILE B 55 -8.51 10.66 -0.06
N GLU B 56 -7.87 10.98 -1.19
CA GLU B 56 -7.06 12.20 -1.30
C GLU B 56 -7.90 13.47 -1.14
N GLN B 57 -9.20 13.37 -1.40
CA GLN B 57 -10.10 14.51 -1.28
C GLN B 57 -10.70 14.69 0.12
N MET B 58 -10.29 13.85 1.05
CA MET B 58 -10.78 13.93 2.42
C MET B 58 -10.33 15.22 3.10
N ASN B 59 -11.01 15.57 4.18
CA ASN B 59 -10.66 16.72 5.01
C ASN B 59 -9.30 16.28 5.55
N PRO B 60 -8.23 17.07 5.32
CA PRO B 60 -6.89 16.74 5.79
C PRO B 60 -6.78 16.39 7.27
N ALA B 61 -7.44 17.19 8.10
CA ALA B 61 -7.40 16.96 9.54
C ALA B 61 -8.02 15.61 9.89
N GLU B 62 -9.11 15.26 9.20
CA GLU B 62 -9.78 13.99 9.44
C GLU B 62 -8.88 12.85 8.96
N TYR B 63 -8.29 13.02 7.78
CA TYR B 63 -7.40 12.02 7.20
C TYR B 63 -6.21 11.68 8.11
N LEU B 64 -5.52 12.72 8.57
CA LEU B 64 -4.33 12.56 9.42
C LEU B 64 -4.52 11.82 10.73
N GLU B 65 -5.70 11.89 11.32
CA GLU B 65 -5.92 11.25 12.63
C GLU B 65 -7.04 10.22 12.75
N SER B 66 -7.71 9.91 11.64
CA SER B 66 -8.79 8.93 11.68
C SER B 66 -8.25 7.52 11.44
N PRO B 67 -8.95 6.50 11.97
CA PRO B 67 -8.53 5.11 11.78
C PRO B 67 -8.44 4.85 10.28
N TYR B 68 -7.41 4.13 9.86
CA TYR B 68 -7.17 3.83 8.45
C TYR B 68 -8.40 3.46 7.62
N TYR B 69 -9.15 2.44 8.06
CA TYR B 69 -10.30 2.00 7.29
C TYR B 69 -11.42 3.03 7.13
N TRP B 70 -11.37 4.09 7.95
CA TRP B 70 -12.36 5.14 7.81
C TRP B 70 -12.13 5.85 6.46
N HIS B 71 -10.86 5.90 6.04
CA HIS B 71 -10.51 6.51 4.74
C HIS B 71 -11.24 5.77 3.64
N TRP B 72 -11.29 4.45 3.75
CA TRP B 72 -11.96 3.61 2.77
C TRP B 72 -13.45 3.93 2.73
N ILE B 73 -14.05 4.07 3.91
CA ILE B 73 -15.48 4.40 3.99
C ILE B 73 -15.75 5.72 3.29
N ARG B 74 -14.88 6.71 3.49
CA ARG B 74 -15.03 8.01 2.86
C ARG B 74 -15.02 7.92 1.34
N THR B 75 -14.14 7.09 0.80
CA THR B 75 -14.08 6.96 -0.65
C THR B 75 -15.29 6.22 -1.23
N TYR B 76 -15.86 5.30 -0.46
CA TYR B 76 -17.04 4.56 -0.92
C TYR B 76 -18.21 5.53 -1.04
N ILE B 77 -18.37 6.37 -0.02
CA ILE B 77 -19.45 7.36 0.00
C ILE B 77 -19.25 8.37 -1.11
N HIS B 78 -18.01 8.85 -1.26
CA HIS B 78 -17.66 9.81 -2.30
C HIS B 78 -18.09 9.31 -3.68
N HIS B 79 -17.69 8.10 -4.03
CA HIS B 79 -18.03 7.54 -5.32
C HIS B 79 -19.48 7.09 -5.40
N GLY B 80 -20.05 6.72 -4.26
CA GLY B 80 -21.44 6.32 -4.25
C GLY B 80 -22.30 7.51 -4.64
N VAL B 81 -21.95 8.67 -4.09
CA VAL B 81 -22.68 9.91 -4.39
C VAL B 81 -22.37 10.36 -5.82
N ARG B 82 -21.10 10.27 -6.21
CA ARG B 82 -20.66 10.66 -7.56
C ARG B 82 -21.43 9.92 -8.66
N THR B 83 -21.57 8.62 -8.48
CA THR B 83 -22.25 7.75 -9.45
C THR B 83 -23.76 7.69 -9.26
N GLY B 84 -24.25 8.31 -8.18
CA GLY B 84 -25.68 8.32 -7.90
C GLY B 84 -26.19 7.00 -7.33
N LYS B 85 -25.27 6.16 -6.86
CA LYS B 85 -25.63 4.87 -6.30
C LYS B 85 -25.96 4.96 -4.81
N ILE B 86 -25.55 6.06 -4.17
CA ILE B 86 -25.81 6.27 -2.75
C ILE B 86 -26.50 7.62 -2.55
N ASP B 87 -27.66 7.58 -1.90
CA ASP B 87 -28.41 8.80 -1.59
C ASP B 87 -27.92 9.26 -0.22
N LEU B 88 -27.27 10.43 -0.18
CA LEU B 88 -26.71 10.99 1.05
C LEU B 88 -27.72 11.18 2.18
N GLU B 89 -28.92 11.64 1.83
CA GLU B 89 -29.97 11.87 2.82
C GLU B 89 -30.41 10.57 3.49
N GLU B 90 -30.52 9.51 2.70
CA GLU B 90 -30.90 8.21 3.23
C GLU B 90 -29.78 7.68 4.12
N LEU B 91 -28.53 7.88 3.69
CA LEU B 91 -27.39 7.42 4.45
C LEU B 91 -27.34 8.12 5.81
N GLU B 92 -27.63 9.42 5.82
CA GLU B 92 -27.63 10.18 7.07
C GLU B 92 -28.73 9.70 8.02
N ARG B 93 -29.90 9.39 7.46
CA ARG B 93 -31.02 8.90 8.26
C ARG B 93 -30.68 7.55 8.88
N ARG B 94 -30.10 6.66 8.07
CA ARG B 94 -29.71 5.34 8.55
C ARG B 94 -28.60 5.39 9.59
N THR B 95 -27.72 6.39 9.46
CA THR B 95 -26.63 6.54 10.41
C THR B 95 -27.22 6.85 11.79
N GLN B 96 -28.15 7.80 11.83
CA GLN B 96 -28.80 8.18 13.09
C GLN B 96 -29.58 6.99 13.65
N TYR B 97 -30.21 6.21 12.77
CA TYR B 97 -30.98 5.04 13.19
C TYR B 97 -30.05 4.06 13.91
N TYR B 98 -28.89 3.79 13.31
CA TYR B 98 -27.93 2.87 13.91
C TYR B 98 -27.19 3.47 15.11
N ARG B 99 -27.23 4.78 15.26
CA ARG B 99 -26.60 5.44 16.40
C ARG B 99 -27.51 5.13 17.60
N GLU B 100 -28.81 5.32 17.38
CA GLU B 100 -29.83 5.09 18.40
C GLU B 100 -30.14 3.62 18.65
N ASN B 101 -29.96 2.79 17.64
CA ASN B 101 -30.22 1.35 17.73
C ASN B 101 -29.03 0.58 17.15
N PRO B 102 -27.89 0.60 17.86
CA PRO B 102 -26.68 -0.09 17.43
C PRO B 102 -26.82 -1.59 17.18
N ASP B 103 -27.73 -2.23 17.90
CA ASP B 103 -27.93 -3.66 17.76
C ASP B 103 -29.08 -4.05 16.82
N ALA B 104 -29.64 -3.05 16.13
CA ALA B 104 -30.72 -3.29 15.18
C ALA B 104 -30.17 -4.17 14.07
N PRO B 105 -31.00 -5.05 13.50
CA PRO B 105 -30.52 -5.93 12.43
C PRO B 105 -30.21 -5.25 11.11
N LEU B 106 -29.40 -5.93 10.31
CA LEU B 106 -29.06 -5.47 8.98
C LEU B 106 -30.23 -5.95 8.12
N PRO B 107 -30.40 -5.38 6.92
CA PRO B 107 -31.50 -5.78 6.05
C PRO B 107 -31.44 -7.25 5.64
N GLU B 108 -32.61 -7.86 5.48
CA GLU B 108 -32.71 -9.25 5.06
C GLU B 108 -32.15 -9.28 3.64
N HIS B 109 -31.37 -10.31 3.33
CA HIS B 109 -30.78 -10.44 2.02
C HIS B 109 -30.39 -11.87 1.70
N GLU B 110 -30.30 -12.18 0.42
CA GLU B 110 -29.91 -13.51 -0.01
C GLU B 110 -28.39 -13.53 -0.21
N GLN B 111 -27.78 -14.66 0.09
CA GLN B 111 -26.34 -14.80 -0.11
C GLN B 111 -26.14 -15.07 -1.60
N LYS B 112 -25.00 -14.66 -2.13
CA LYS B 112 -24.72 -14.83 -3.55
C LYS B 112 -23.40 -15.53 -3.81
N PRO B 113 -23.46 -16.75 -4.38
CA PRO B 113 -22.26 -17.53 -4.70
C PRO B 113 -21.28 -16.77 -5.57
N GLU B 114 -21.81 -15.96 -6.50
CA GLU B 114 -20.98 -15.19 -7.42
C GLU B 114 -20.06 -14.18 -6.70
N LEU B 115 -20.51 -13.66 -5.56
CA LEU B 115 -19.70 -12.71 -4.81
C LEU B 115 -18.53 -13.40 -4.12
N ILE B 116 -18.73 -14.65 -3.72
CA ILE B 116 -17.66 -15.43 -3.09
C ILE B 116 -16.65 -15.80 -4.18
N GLU B 117 -17.17 -16.14 -5.36
CA GLU B 117 -16.33 -16.50 -6.50
C GLU B 117 -15.46 -15.31 -6.88
N PHE B 118 -16.07 -14.12 -6.89
CA PHE B 118 -15.36 -12.88 -7.21
C PHE B 118 -14.22 -12.64 -6.22
N VAL B 119 -14.52 -12.82 -4.94
CA VAL B 119 -13.53 -12.63 -3.88
C VAL B 119 -12.34 -13.57 -4.07
N ASN B 120 -12.62 -14.86 -4.24
CA ASN B 120 -11.54 -15.83 -4.42
C ASN B 120 -10.71 -15.55 -5.66
N GLN B 121 -11.38 -15.20 -6.76
CA GLN B 121 -10.69 -14.90 -8.02
C GLN B 121 -9.83 -13.65 -7.90
N ALA B 122 -10.35 -12.61 -7.26
CA ALA B 122 -9.62 -11.36 -7.10
C ALA B 122 -8.40 -11.55 -6.19
N VAL B 123 -8.61 -12.24 -5.07
CA VAL B 123 -7.54 -12.49 -4.11
C VAL B 123 -6.39 -13.35 -4.67
N TYR B 124 -6.73 -14.48 -5.25
CA TYR B 124 -5.70 -15.37 -5.77
C TYR B 124 -5.27 -15.15 -7.21
N GLY B 125 -6.13 -14.52 -8.01
CA GLY B 125 -5.80 -14.24 -9.39
C GLY B 125 -5.30 -12.82 -9.58
N GLY B 126 -5.69 -11.93 -8.66
CA GLY B 126 -5.27 -10.54 -8.72
C GLY B 126 -6.04 -9.71 -9.73
N LEU B 127 -5.74 -8.42 -9.76
CA LEU B 127 -6.37 -7.47 -10.67
C LEU B 127 -5.20 -6.75 -11.35
N PRO B 128 -4.46 -7.45 -12.23
CA PRO B 128 -3.31 -6.88 -12.93
C PRO B 128 -3.58 -5.59 -13.70
N ALA B 129 -2.71 -4.61 -13.49
CA ALA B 129 -2.81 -3.31 -14.13
C ALA B 129 -1.89 -3.18 -15.35
N SER B 130 -1.07 -4.19 -15.60
CA SER B 130 -0.17 -4.17 -16.76
C SER B 130 -0.97 -4.25 -18.05
N ARG B 131 -0.54 -3.50 -19.07
CA ARG B 131 -1.23 -3.49 -20.36
C ARG B 131 -0.21 -3.41 -21.49
N GLU B 132 -0.65 -3.79 -22.68
CA GLU B 132 0.20 -3.73 -23.86
C GLU B 132 -0.14 -2.47 -24.63
N VAL B 133 0.89 -1.78 -25.12
CA VAL B 133 0.71 -0.56 -25.90
C VAL B 133 1.44 -0.69 -27.23
N ASP B 134 1.05 0.12 -28.20
CA ASP B 134 1.66 0.08 -29.53
C ASP B 134 2.98 0.83 -29.62
N ARG B 135 3.18 1.81 -28.74
CA ARG B 135 4.40 2.61 -28.74
C ARG B 135 5.52 1.97 -27.91
N PRO B 136 6.78 2.10 -28.37
CA PRO B 136 7.90 1.53 -27.63
C PRO B 136 8.28 2.48 -26.49
N PRO B 137 9.06 2.01 -25.50
CA PRO B 137 9.45 2.89 -24.40
C PRO B 137 10.34 4.04 -24.87
N LYS B 138 10.06 5.23 -24.36
CA LYS B 138 10.82 6.43 -24.72
C LYS B 138 12.15 6.47 -23.98
N PHE B 139 12.19 5.87 -22.79
CA PHE B 139 13.40 5.86 -21.96
C PHE B 139 13.95 4.47 -21.69
N LYS B 140 15.18 4.43 -21.18
CA LYS B 140 15.84 3.17 -20.88
C LYS B 140 16.78 3.33 -19.67
N GLU B 141 17.22 2.20 -19.13
CA GLU B 141 18.13 2.18 -17.98
C GLU B 141 19.35 3.05 -18.23
N GLY B 142 19.71 3.87 -17.24
CA GLY B 142 20.86 4.74 -17.37
C GLY B 142 20.53 6.16 -17.77
N ASP B 143 19.36 6.35 -18.37
CA ASP B 143 18.94 7.69 -18.79
C ASP B 143 18.75 8.61 -17.60
N VAL B 144 19.27 9.83 -17.72
CA VAL B 144 19.13 10.83 -16.67
C VAL B 144 17.91 11.65 -17.06
N VAL B 145 16.91 11.67 -16.18
CA VAL B 145 15.67 12.38 -16.44
C VAL B 145 15.26 13.36 -15.34
N ARG B 146 14.35 14.25 -15.70
CA ARG B 146 13.83 15.26 -14.77
C ARG B 146 12.33 15.02 -14.60
N PHE B 147 11.87 15.03 -13.36
CA PHE B 147 10.46 14.82 -13.06
C PHE B 147 9.69 16.12 -13.30
N SER B 148 8.51 15.99 -13.91
CA SER B 148 7.64 17.12 -14.24
C SER B 148 7.25 17.99 -13.04
N THR B 149 7.08 19.29 -13.30
CA THR B 149 6.66 20.22 -12.26
C THR B 149 5.17 20.51 -12.41
N ALA B 150 4.49 19.73 -13.26
CA ALA B 150 3.07 19.90 -13.47
C ALA B 150 2.37 19.63 -12.14
N SER B 151 1.22 20.28 -11.93
CA SER B 151 0.50 20.12 -10.67
C SER B 151 -1.00 19.95 -10.92
N PRO B 152 -1.38 18.79 -11.49
CA PRO B 152 -2.80 18.52 -11.79
C PRO B 152 -3.67 18.64 -10.55
N LYS B 153 -4.87 19.19 -10.73
CA LYS B 153 -5.81 19.37 -9.65
C LYS B 153 -6.59 18.09 -9.36
N GLY B 154 -6.57 17.17 -10.32
CA GLY B 154 -7.23 15.89 -10.17
C GLY B 154 -6.21 14.87 -9.68
N HIS B 155 -6.55 13.59 -9.77
CA HIS B 155 -5.65 12.52 -9.31
C HIS B 155 -4.39 12.37 -10.16
N ALA B 156 -3.29 12.07 -9.48
CA ALA B 156 -1.99 11.82 -10.11
C ALA B 156 -1.09 11.20 -9.05
N ARG B 157 0.01 10.58 -9.49
CA ARG B 157 0.97 9.96 -8.57
C ARG B 157 2.28 10.74 -8.70
N ARG B 158 2.18 12.04 -8.46
CA ARG B 158 3.29 12.97 -8.56
C ARG B 158 3.60 13.58 -7.19
N ALA B 159 4.27 12.81 -6.32
CA ALA B 159 4.61 13.28 -4.99
C ALA B 159 5.36 14.61 -5.08
N ARG B 160 4.92 15.59 -4.31
CA ARG B 160 5.55 16.90 -4.34
C ARG B 160 7.07 16.85 -4.15
N TYR B 161 7.54 15.90 -3.33
CA TYR B 161 8.98 15.81 -3.06
C TYR B 161 9.88 15.43 -4.22
N VAL B 162 9.31 14.88 -5.30
CA VAL B 162 10.12 14.51 -6.47
C VAL B 162 9.98 15.45 -7.67
N ARG B 163 8.98 16.33 -7.63
CA ARG B 163 8.75 17.25 -8.75
C ARG B 163 9.94 18.16 -9.04
N GLY B 164 10.30 18.24 -10.32
CA GLY B 164 11.41 19.07 -10.75
C GLY B 164 12.78 18.51 -10.41
N LYS B 165 12.81 17.33 -9.79
CA LYS B 165 14.07 16.71 -9.39
C LYS B 165 14.64 15.81 -10.49
N THR B 166 15.97 15.72 -10.53
CA THR B 166 16.65 14.91 -11.52
C THR B 166 17.05 13.56 -10.95
N GLY B 167 16.81 12.50 -11.72
CA GLY B 167 17.14 11.16 -11.29
C GLY B 167 17.59 10.30 -12.46
N THR B 168 17.89 9.03 -12.18
CA THR B 168 18.35 8.09 -13.19
C THR B 168 17.41 6.91 -13.32
N VAL B 169 17.05 6.55 -14.56
CA VAL B 169 16.16 5.43 -14.82
C VAL B 169 16.85 4.13 -14.41
N VAL B 170 16.20 3.39 -13.51
CA VAL B 170 16.70 2.13 -12.99
C VAL B 170 16.15 0.92 -13.74
N LYS B 171 14.88 0.99 -14.12
CA LYS B 171 14.26 -0.12 -14.83
C LYS B 171 12.97 0.26 -15.51
N HIS B 172 12.73 -0.34 -16.68
CA HIS B 172 11.52 -0.14 -17.45
C HIS B 172 10.69 -1.40 -17.15
N HIS B 173 9.47 -1.21 -16.68
CA HIS B 173 8.60 -2.32 -16.32
C HIS B 173 7.54 -2.70 -17.34
N GLY B 174 7.44 -1.95 -18.43
CA GLY B 174 6.40 -2.19 -19.41
C GLY B 174 5.32 -1.16 -19.16
N ALA B 175 4.20 -1.25 -19.86
CA ALA B 175 3.11 -0.28 -19.70
C ALA B 175 2.04 -0.69 -18.68
N TYR B 176 1.46 0.31 -18.03
CA TYR B 176 0.42 0.09 -17.01
C TYR B 176 -0.64 1.17 -17.08
N ILE B 177 -1.76 0.93 -16.40
CA ILE B 177 -2.86 1.89 -16.32
C ILE B 177 -2.26 3.21 -15.86
N TYR B 178 -2.65 4.30 -16.52
CA TYR B 178 -2.15 5.64 -16.20
C TYR B 178 -3.06 6.32 -15.18
N PRO B 179 -2.54 6.61 -13.98
CA PRO B 179 -3.34 7.25 -12.93
C PRO B 179 -3.98 8.58 -13.29
N ASP B 180 -3.25 9.44 -14.01
CA ASP B 180 -3.77 10.77 -14.36
C ASP B 180 -5.05 10.74 -15.17
N THR B 181 -5.32 9.63 -15.85
CA THR B 181 -6.55 9.49 -16.59
C THR B 181 -7.50 8.60 -15.81
N ALA B 182 -7.02 7.41 -15.41
CA ALA B 182 -7.85 6.45 -14.69
C ALA B 182 -8.49 6.97 -13.40
N GLY B 183 -7.69 7.63 -12.57
CA GLY B 183 -8.20 8.16 -11.31
C GLY B 183 -9.20 9.31 -11.45
N ASN B 184 -9.27 9.86 -12.66
CA ASN B 184 -10.17 10.97 -12.94
C ASN B 184 -11.33 10.56 -13.85
N GLY B 185 -11.55 9.25 -13.96
CA GLY B 185 -12.63 8.74 -14.78
C GLY B 185 -12.42 8.92 -16.27
N LEU B 186 -11.16 9.01 -16.69
CA LEU B 186 -10.85 9.20 -18.10
C LEU B 186 -10.28 7.96 -18.79
N GLY B 187 -10.38 6.81 -18.11
CA GLY B 187 -9.91 5.57 -18.70
C GLY B 187 -8.51 5.14 -18.38
N GLU B 188 -8.16 3.92 -18.81
CA GLU B 188 -6.84 3.35 -18.55
C GLU B 188 -5.66 4.09 -19.21
N CYS B 189 -5.82 4.42 -20.50
CA CYS B 189 -4.78 5.14 -21.29
C CYS B 189 -3.37 4.77 -20.82
N PRO B 190 -3.01 3.47 -20.90
CA PRO B 190 -1.71 2.95 -20.47
C PRO B 190 -0.47 3.68 -20.95
N GLU B 191 0.50 3.77 -20.05
CA GLU B 191 1.77 4.43 -20.32
C GLU B 191 2.90 3.58 -19.75
N HIS B 192 4.06 3.66 -20.39
CA HIS B 192 5.22 2.92 -19.94
C HIS B 192 5.60 3.39 -18.54
N LEU B 193 6.06 2.45 -17.72
CA LEU B 193 6.42 2.70 -16.34
C LEU B 193 7.91 2.47 -16.07
N TYR B 194 8.50 3.34 -15.26
CA TYR B 194 9.92 3.26 -14.93
C TYR B 194 10.20 3.55 -13.47
N THR B 195 11.19 2.87 -12.91
CA THR B 195 11.61 3.16 -11.54
C THR B 195 12.78 4.10 -11.75
N VAL B 196 12.76 5.24 -11.05
CA VAL B 196 13.81 6.25 -11.17
C VAL B 196 14.46 6.46 -9.81
N ARG B 197 15.79 6.55 -9.80
CA ARG B 197 16.57 6.74 -8.59
C ARG B 197 16.95 8.21 -8.38
N PHE B 198 16.61 8.73 -7.20
CA PHE B 198 16.92 10.12 -6.84
C PHE B 198 17.80 10.09 -5.60
N THR B 199 18.92 10.81 -5.61
CA THR B 199 19.79 10.84 -4.43
C THR B 199 19.13 11.68 -3.34
N ALA B 200 19.49 11.41 -2.09
CA ALA B 200 18.93 12.17 -0.97
C ALA B 200 19.32 13.64 -1.06
N GLN B 201 20.51 13.90 -1.58
CA GLN B 201 21.00 15.28 -1.74
C GLN B 201 20.16 16.02 -2.78
N GLU B 202 19.74 15.31 -3.82
CA GLU B 202 18.91 15.89 -4.88
C GLU B 202 17.54 16.27 -4.33
N LEU B 203 16.98 15.38 -3.51
CA LEU B 203 15.65 15.59 -2.94
C LEU B 203 15.59 16.58 -1.78
N TRP B 204 16.54 16.49 -0.86
CA TRP B 204 16.52 17.32 0.35
C TRP B 204 17.61 18.37 0.50
N GLY B 205 18.52 18.44 -0.48
CA GLY B 205 19.60 19.41 -0.38
C GLY B 205 20.62 18.96 0.64
N PRO B 206 21.29 19.89 1.33
CA PRO B 206 22.31 19.59 2.36
C PRO B 206 21.82 18.72 3.51
N GLU B 207 20.53 18.84 3.83
CA GLU B 207 19.93 18.09 4.93
C GLU B 207 19.70 16.60 4.62
N GLY B 208 19.87 16.22 3.36
CA GLY B 208 19.68 14.83 2.99
C GLY B 208 20.82 13.93 3.43
N ASP B 209 20.52 12.65 3.63
CA ASP B 209 21.51 11.67 4.04
C ASP B 209 22.55 11.58 2.91
N PRO B 210 23.84 11.73 3.25
CA PRO B 210 24.90 11.66 2.23
C PRO B 210 25.05 10.31 1.55
N ASN B 211 24.44 9.27 2.12
CA ASN B 211 24.54 7.95 1.55
C ASN B 211 23.17 7.27 1.48
N SER B 212 22.24 7.93 0.81
CA SER B 212 20.89 7.40 0.65
C SER B 212 20.30 7.85 -0.68
N SER B 213 19.37 7.05 -1.19
CA SER B 213 18.68 7.37 -2.43
C SER B 213 17.27 6.84 -2.34
N VAL B 214 16.35 7.50 -3.01
CA VAL B 214 14.96 7.08 -3.03
C VAL B 214 14.57 6.65 -4.44
N TYR B 215 13.94 5.48 -4.52
CA TYR B 215 13.48 4.93 -5.79
C TYR B 215 11.99 5.22 -5.88
N TYR B 216 11.59 5.87 -6.97
CA TYR B 216 10.21 6.27 -7.17
C TYR B 216 9.74 5.90 -8.59
N ASP B 217 8.54 5.35 -8.70
CA ASP B 217 8.01 4.95 -9.99
C ASP B 217 7.36 6.09 -10.77
N CYS B 218 7.78 6.23 -12.03
CA CYS B 218 7.30 7.30 -12.89
C CYS B 218 6.71 6.81 -14.19
N TRP B 219 5.49 7.24 -14.50
CA TRP B 219 4.89 6.89 -15.78
C TRP B 219 5.57 7.80 -16.78
N GLU B 220 5.65 7.36 -18.03
CA GLU B 220 6.35 8.10 -19.09
C GLU B 220 6.16 9.62 -19.17
N PRO B 221 4.92 10.12 -19.12
CA PRO B 221 4.70 11.57 -19.20
C PRO B 221 5.28 12.37 -18.03
N TYR B 222 5.56 11.68 -16.93
CA TYR B 222 6.12 12.31 -15.73
C TYR B 222 7.57 12.76 -15.87
N ILE B 223 8.30 12.14 -16.79
CA ILE B 223 9.71 12.44 -16.95
C ILE B 223 10.14 12.82 -18.35
N GLU B 224 11.18 13.64 -18.43
CA GLU B 224 11.74 14.06 -19.71
C GLU B 224 13.25 13.87 -19.64
N LEU B 225 13.84 13.57 -20.78
CA LEU B 225 15.27 13.32 -20.89
C LEU B 225 16.16 14.50 -20.56
N VAL B 226 17.25 14.20 -19.86
CA VAL B 226 18.24 15.20 -19.49
C VAL B 226 19.54 14.77 -20.16
#